data_7U7K
#
_entry.id   7U7K
#
_cell.length_a   97.782
_cell.length_b   97.782
_cell.length_c   81.673
_cell.angle_alpha   90.000
_cell.angle_beta   90.000
_cell.angle_gamma   120.000
#
_symmetry.space_group_name_H-M   'P 61'
#
loop_
_entity.id
_entity.type
_entity.pdbx_description
1 polymer 'DNA polymerase eta'
2 polymer "DNA (5'-D(*CP*AP*TP*TP*AP*TP*GP*AP*CP*GP*CP*T)-3')"
3 polymer "DNA (5'-D(*AP*GP*CP*GP*TP*CP*AP*TP*G)-3')"
4 non-polymer 'MANGANESE (II) ION'
5 non-polymer GLYCEROL
6 non-polymer DIPHOSPHATE
7 non-polymer "2'-DEOXYGUANOSINE-5'-TRIPHOSPHATE"
8 water water
#
loop_
_entity_poly.entity_id
_entity_poly.type
_entity_poly.pdbx_seq_one_letter_code
_entity_poly.pdbx_strand_id
1 'polypeptide(L)'
;GPHMATGQDRVVALVDMDCFFVQVEQRQNPHLRNKPCAVVQYKSWKGGGIIAVSYEARAFGVTRSMWADDAKKLCPDLLL
AQVRESRGKANLTKYREASVEVMEIMSRFAVIERASIDEAYVDLTSAVQERLQKLQGQPISADLLPSTYIEGLPQGPTTA
EETVQKEGMRKQGLFQWLDSLQIDNLTSPDLQLTVGAVIVEEMRAAIERETGFQCSAGISHNKVLAKLACGLNKPNRQTL
VSHGSVPQLFSQMPIRKIRSLGGKLGASVIEILGIEYMGELTQFTESQLQSHFGEKNGSWLYAMCRGIEHDPVKPRQLPK
TIGCSKNFPGKTALATREQVQWWLLQLAQELEERLTKDRNDNDRVATQLVVSIRVQGDKRLSSLRRCCALTRYDAHKMSH
DAFTVIKNCNTSGIQTEWSPPLTMLFLCATKFSAS
;
A
2 'polydeoxyribonucleotide' (DC)(DA)(DT)(DT)(DA)(DT)(DG)(DA)(DC)(DG)(DC)(DT) T
3 'polydeoxyribonucleotide' (DA)(DG)(DC)(DG)(DT)(DC)(DA)(DT)(DG) P
#
loop_
_chem_comp.id
_chem_comp.type
_chem_comp.name
_chem_comp.formula
DA DNA linking 2'-DEOXYADENOSINE-5'-MONOPHOSPHATE 'C10 H14 N5 O6 P'
DC DNA linking 2'-DEOXYCYTIDINE-5'-MONOPHOSPHATE 'C9 H14 N3 O7 P'
DG DNA linking 2'-DEOXYGUANOSINE-5'-MONOPHOSPHATE 'C10 H14 N5 O7 P'
DGT non-polymer 2'-DEOXYGUANOSINE-5'-TRIPHOSPHATE 'C10 H16 N5 O13 P3'
DPO non-polymer DIPHOSPHATE 'O7 P2 -4'
DT DNA linking THYMIDINE-5'-MONOPHOSPHATE 'C10 H15 N2 O8 P'
GOL non-polymer GLYCEROL 'C3 H8 O3'
MN non-polymer 'MANGANESE (II) ION' 'Mn 2'
#
# COMPACT_ATOMS: atom_id res chain seq x y z
N GLY A 1 5.05 17.54 30.86
CA GLY A 1 6.00 18.59 31.19
C GLY A 1 7.27 18.52 30.36
N PRO A 2 8.43 18.53 31.03
CA PRO A 2 9.71 18.39 30.31
C PRO A 2 10.04 16.95 29.91
N HIS A 3 9.37 15.97 30.47
CA HIS A 3 9.68 14.57 30.24
C HIS A 3 8.66 13.86 29.36
N MET A 4 7.67 14.58 28.86
CA MET A 4 6.74 14.00 27.90
C MET A 4 7.48 13.78 26.58
N ALA A 5 7.46 12.55 26.10
CA ALA A 5 8.11 12.20 24.84
C ALA A 5 7.08 12.36 23.72
N THR A 6 7.31 13.35 22.86
CA THR A 6 6.32 13.76 21.88
C THR A 6 6.38 13.00 20.57
N GLY A 7 7.25 11.99 20.47
CA GLY A 7 7.31 11.21 19.26
C GLY A 7 7.66 12.06 18.05
N GLN A 8 8.70 12.88 18.21
CA GLN A 8 9.17 13.75 17.14
C GLN A 8 10.62 13.48 16.79
N ASP A 9 11.13 12.31 17.17
CA ASP A 9 12.54 11.99 17.00
C ASP A 9 12.90 11.52 15.59
N ARG A 10 11.92 11.08 14.81
CA ARG A 10 12.16 10.53 13.48
C ARG A 10 11.52 11.39 12.41
N VAL A 11 12.08 11.33 11.19
CA VAL A 11 11.43 11.85 9.99
C VAL A 11 11.09 10.65 9.12
N VAL A 12 9.80 10.46 8.81
CA VAL A 12 9.34 9.29 8.07
C VAL A 12 8.50 9.78 6.89
N ALA A 13 8.75 9.22 5.71
CA ALA A 13 7.94 9.55 4.55
C ALA A 13 7.22 8.29 4.09
N LEU A 14 6.08 8.49 3.43
CA LEU A 14 5.38 7.41 2.75
C LEU A 14 5.21 7.88 1.32
N VAL A 15 5.81 7.15 0.38
CA VAL A 15 5.71 7.49 -1.06
C VAL A 15 4.77 6.49 -1.72
N ASP A 16 3.72 6.99 -2.37
CA ASP A 16 2.70 6.12 -3.01
CA ASP A 16 2.72 6.11 -3.01
C ASP A 16 2.55 6.51 -4.47
N MET A 17 2.74 5.55 -5.36
CA MET A 17 2.62 5.82 -6.80
C MET A 17 1.17 6.19 -7.14
N ASP A 18 0.99 7.25 -7.90
CA ASP A 18 -0.37 7.62 -8.32
C ASP A 18 -0.94 6.56 -9.26
N CYS A 19 -2.18 6.16 -9.03
CA CYS A 19 -2.90 5.16 -9.83
C CYS A 19 -1.97 4.19 -10.56
N PHE A 20 -1.25 3.38 -9.78
CA PHE A 20 0.02 2.82 -10.26
C PHE A 20 -0.13 1.97 -11.53
N PHE A 21 -1.02 0.97 -11.51
CA PHE A 21 -1.10 0.09 -12.69
C PHE A 21 -1.50 0.89 -13.94
N VAL A 22 -2.35 1.91 -13.76
CA VAL A 22 -2.69 2.80 -14.88
C VAL A 22 -1.44 3.48 -15.42
N GLN A 23 -0.61 4.03 -14.53
CA GLN A 23 0.61 4.69 -15.01
C GLN A 23 1.50 3.72 -15.78
N VAL A 24 1.58 2.46 -15.30
CA VAL A 24 2.42 1.48 -15.99
C VAL A 24 1.91 1.30 -17.42
N GLU A 25 0.58 1.15 -17.55
CA GLU A 25 -0.01 0.98 -18.88
C GLU A 25 0.09 2.25 -19.73
N GLN A 26 0.03 3.43 -19.11
CA GLN A 26 0.13 4.67 -19.87
C GLN A 26 1.56 4.94 -20.34
N ARG A 27 2.54 4.50 -19.56
CA ARG A 27 3.92 4.60 -20.02
C ARG A 27 4.10 3.73 -21.24
N GLN A 28 3.55 2.52 -21.19
CA GLN A 28 3.71 1.60 -22.32
C GLN A 28 2.94 2.05 -23.56
N ASN A 29 1.73 2.56 -23.37
CA ASN A 29 0.86 2.96 -24.48
C ASN A 29 0.57 4.45 -24.36
N PRO A 30 1.30 5.31 -25.10
CA PRO A 30 1.07 6.76 -24.99
C PRO A 30 -0.33 7.21 -25.34
N HIS A 31 -1.09 6.43 -26.12
CA HIS A 31 -2.47 6.80 -26.43
C HIS A 31 -3.35 6.87 -25.18
N LEU A 32 -2.95 6.21 -24.09
CA LEU A 32 -3.72 6.24 -22.85
C LEU A 32 -3.37 7.42 -21.95
N ARG A 33 -2.30 8.16 -22.24
CA ARG A 33 -1.87 9.20 -21.31
C ARG A 33 -2.87 10.36 -21.27
N ASN A 34 -3.04 10.93 -20.07
CA ASN A 34 -3.91 12.11 -19.87
C ASN A 34 -5.35 11.84 -20.32
N LYS A 35 -5.80 10.61 -20.18
CA LYS A 35 -7.14 10.20 -20.54
C LYS A 35 -7.82 9.55 -19.35
N PRO A 36 -9.14 9.55 -19.30
CA PRO A 36 -9.83 8.65 -18.37
C PRO A 36 -9.52 7.21 -18.76
N CYS A 37 -8.89 6.48 -17.85
N CYS A 37 -8.88 6.47 -17.85
CA CYS A 37 -8.59 5.10 -18.18
CA CYS A 37 -8.36 5.14 -18.15
C CYS A 37 -8.47 4.30 -16.90
N ALA A 38 -8.62 2.99 -17.08
CA ALA A 38 -8.64 2.11 -15.91
C ALA A 38 -7.98 0.82 -16.34
N VAL A 39 -7.51 0.04 -15.34
CA VAL A 39 -6.93 -1.27 -15.58
C VAL A 39 -7.90 -2.33 -15.04
N VAL A 40 -8.09 -3.40 -15.80
CA VAL A 40 -9.13 -4.39 -15.52
C VAL A 40 -8.49 -5.78 -15.47
N GLN A 41 -9.12 -6.67 -14.71
CA GLN A 41 -8.69 -8.08 -14.72
C GLN A 41 -9.83 -8.84 -15.39
N TYR A 42 -9.51 -9.62 -16.41
CA TYR A 42 -10.50 -10.42 -17.17
C TYR A 42 -11.37 -9.49 -18.02
N LYS A 43 -12.38 -10.04 -18.68
CA LYS A 43 -13.20 -9.22 -19.62
C LYS A 43 -14.59 -9.81 -19.80
N SER A 44 -14.70 -11.13 -19.81
CA SER A 44 -16.00 -11.75 -20.16
C SER A 44 -17.11 -11.32 -19.20
N TRP A 45 -16.85 -11.36 -17.90
CA TRP A 45 -17.91 -11.04 -16.91
C TRP A 45 -17.98 -9.53 -16.65
N LYS A 46 -19.02 -8.89 -17.18
CA LYS A 46 -19.27 -7.44 -16.95
C LYS A 46 -18.09 -6.58 -17.39
N GLY A 47 -17.33 -7.05 -18.37
CA GLY A 47 -16.26 -6.25 -18.93
C GLY A 47 -14.96 -6.31 -18.15
N GLY A 48 -14.90 -7.08 -17.08
CA GLY A 48 -13.71 -7.15 -16.26
C GLY A 48 -13.84 -6.29 -15.02
N GLY A 49 -13.14 -6.68 -13.95
CA GLY A 49 -13.19 -5.92 -12.71
C GLY A 49 -12.06 -4.91 -12.69
N ILE A 50 -12.41 -3.66 -12.40
CA ILE A 50 -11.42 -2.58 -12.39
C ILE A 50 -10.60 -2.64 -11.12
N ILE A 51 -9.28 -2.50 -11.24
CA ILE A 51 -8.41 -2.48 -10.07
C ILE A 51 -7.57 -1.21 -9.96
N ALA A 52 -7.63 -0.31 -10.95
CA ALA A 52 -6.87 0.94 -10.91
C ALA A 52 -7.50 1.93 -11.87
N VAL A 53 -7.54 3.21 -11.48
CA VAL A 53 -8.34 4.23 -12.15
C VAL A 53 -7.54 5.52 -12.24
N SER A 54 -7.41 6.07 -13.44
CA SER A 54 -6.72 7.36 -13.61
C SER A 54 -7.54 8.48 -12.99
N TYR A 55 -6.87 9.56 -12.61
CA TYR A 55 -7.60 10.64 -11.93
C TYR A 55 -8.63 11.28 -12.85
N GLU A 56 -8.35 11.34 -14.16
CA GLU A 56 -9.36 11.79 -15.11
C GLU A 56 -10.63 10.96 -15.00
N ALA A 57 -10.50 9.62 -14.91
CA ALA A 57 -11.67 8.76 -14.81
C ALA A 57 -12.33 8.83 -13.43
N ARG A 58 -11.54 9.05 -12.37
CA ARG A 58 -12.11 9.19 -11.05
C ARG A 58 -13.07 10.37 -10.99
N ALA A 59 -12.81 11.39 -11.80
CA ALA A 59 -13.70 12.55 -11.86
C ALA A 59 -15.11 12.18 -12.34
N PHE A 60 -15.26 11.09 -13.10
CA PHE A 60 -16.56 10.60 -13.52
C PHE A 60 -17.20 9.64 -12.54
N GLY A 61 -16.55 9.36 -11.41
CA GLY A 61 -17.04 8.41 -10.44
C GLY A 61 -16.53 6.99 -10.60
N VAL A 62 -15.61 6.76 -11.54
CA VAL A 62 -15.07 5.41 -11.72
C VAL A 62 -14.19 5.07 -10.52
N THR A 63 -14.37 3.87 -9.97
CA THR A 63 -13.60 3.43 -8.81
C THR A 63 -13.08 2.02 -8.99
N ARG A 64 -12.12 1.70 -8.14
CA ARG A 64 -11.69 0.32 -7.97
C ARG A 64 -12.89 -0.50 -7.49
N SER A 65 -12.94 -1.75 -7.91
CA SER A 65 -13.98 -2.75 -7.64
C SER A 65 -15.18 -2.60 -8.60
N MET A 66 -15.33 -1.50 -9.32
CA MET A 66 -16.32 -1.44 -10.40
C MET A 66 -16.12 -2.51 -11.46
N TRP A 67 -17.24 -3.04 -11.97
CA TRP A 67 -17.20 -3.74 -13.24
C TRP A 67 -17.02 -2.72 -14.35
N ALA A 68 -16.19 -3.06 -15.34
CA ALA A 68 -15.93 -2.13 -16.43
C ALA A 68 -17.23 -1.73 -17.15
N ASP A 69 -18.18 -2.65 -17.30
CA ASP A 69 -19.42 -2.29 -17.99
C ASP A 69 -20.17 -1.18 -17.24
N ASP A 70 -20.14 -1.22 -15.91
CA ASP A 70 -20.77 -0.17 -15.12
C ASP A 70 -19.98 1.13 -15.17
N ALA A 71 -18.65 1.02 -15.10
CA ALA A 71 -17.81 2.19 -15.25
C ALA A 71 -18.08 2.91 -16.57
N LYS A 72 -18.29 2.14 -17.63
CA LYS A 72 -18.56 2.72 -18.95
C LYS A 72 -19.91 3.44 -18.96
N LYS A 73 -20.85 3.01 -18.11
CA LYS A 73 -22.05 3.81 -17.93
C LYS A 73 -21.72 5.19 -17.36
N LEU A 74 -20.77 5.27 -16.43
CA LEU A 74 -20.45 6.59 -15.88
C LEU A 74 -19.58 7.42 -16.82
N CYS A 75 -18.79 6.74 -17.65
CA CYS A 75 -17.71 7.39 -18.42
C CYS A 75 -17.60 6.65 -19.74
N PRO A 76 -18.45 7.00 -20.71
CA PRO A 76 -18.52 6.20 -21.94
C PRO A 76 -17.24 6.20 -22.75
N ASP A 77 -16.40 7.23 -22.60
CA ASP A 77 -15.12 7.30 -23.28
C ASP A 77 -13.99 6.70 -22.47
N LEU A 78 -14.31 5.98 -21.39
CA LEU A 78 -13.27 5.36 -20.56
C LEU A 78 -12.43 4.41 -21.40
N LEU A 79 -11.11 4.52 -21.26
CA LEU A 79 -10.20 3.61 -21.94
C LEU A 79 -9.77 2.53 -20.96
N LEU A 80 -9.55 1.33 -21.45
CA LEU A 80 -9.26 0.21 -20.59
C LEU A 80 -7.98 -0.48 -21.03
N ALA A 81 -7.16 -0.85 -20.06
CA ALA A 81 -6.04 -1.76 -20.27
C ALA A 81 -6.29 -3.03 -19.46
N GLN A 82 -6.01 -4.17 -20.07
CA GLN A 82 -6.26 -5.46 -19.40
C GLN A 82 -4.96 -6.05 -18.85
N VAL A 83 -5.04 -6.61 -17.64
CA VAL A 83 -3.88 -7.32 -17.08
C VAL A 83 -3.60 -8.54 -17.97
N ARG A 84 -2.34 -8.86 -18.13
CA ARG A 84 -1.92 -10.03 -18.92
C ARG A 84 -2.52 -11.29 -18.32
N GLU A 85 -2.87 -12.23 -19.18
CA GLU A 85 -3.35 -13.53 -18.70
C GLU A 85 -2.29 -14.55 -19.10
N SER A 86 -1.87 -15.39 -18.17
CA SER A 86 -0.91 -16.46 -18.46
C SER A 86 -1.38 -17.72 -17.74
N ARG A 87 -1.34 -18.86 -18.43
CA ARG A 87 -1.77 -20.13 -17.84
C ARG A 87 -3.18 -20.03 -17.28
N GLY A 88 -4.03 -19.24 -17.93
CA GLY A 88 -5.43 -19.16 -17.56
C GLY A 88 -5.76 -18.22 -16.43
N LYS A 89 -4.80 -17.43 -15.96
CA LYS A 89 -5.05 -16.55 -14.83
C LYS A 89 -4.40 -15.19 -15.05
N ALA A 90 -4.86 -14.22 -14.29
CA ALA A 90 -4.20 -12.92 -14.26
C ALA A 90 -2.75 -13.09 -13.87
N ASN A 91 -1.88 -12.32 -14.54
CA ASN A 91 -0.45 -12.36 -14.24
C ASN A 91 0.05 -10.94 -14.05
N LEU A 92 0.51 -10.63 -12.84
CA LEU A 92 0.82 -9.24 -12.52
C LEU A 92 2.31 -8.93 -12.63
N THR A 93 3.06 -9.70 -13.42
CA THR A 93 4.51 -9.54 -13.47
C THR A 93 4.92 -8.14 -13.89
N LYS A 94 4.25 -7.59 -14.91
CA LYS A 94 4.61 -6.26 -15.40
C LYS A 94 4.64 -5.22 -14.29
N TYR A 95 3.66 -5.28 -13.39
CA TYR A 95 3.51 -4.30 -12.32
C TYR A 95 4.50 -4.55 -11.20
N ARG A 96 4.81 -5.83 -10.95
CA ARG A 96 5.85 -6.15 -9.96
C ARG A 96 7.22 -5.65 -10.41
N GLU A 97 7.54 -5.83 -11.71
CA GLU A 97 8.81 -5.34 -12.25
C GLU A 97 8.88 -3.82 -12.22
N ALA A 98 7.77 -3.15 -12.57
CA ALA A 98 7.72 -1.69 -12.48
C ALA A 98 7.93 -1.23 -11.04
N SER A 99 7.33 -1.97 -10.09
CA SER A 99 7.51 -1.67 -8.67
C SER A 99 8.98 -1.75 -8.27
N VAL A 100 9.67 -2.81 -8.72
CA VAL A 100 11.09 -2.95 -8.42
C VAL A 100 11.86 -1.75 -8.93
N GLU A 101 11.51 -1.24 -10.14
CA GLU A 101 12.18 -0.03 -10.67
C GLU A 101 12.12 1.12 -9.67
N VAL A 102 10.91 1.36 -9.16
CA VAL A 102 10.71 2.49 -8.25
C VAL A 102 11.42 2.25 -6.94
N MET A 103 11.29 1.04 -6.40
CA MET A 103 11.88 0.74 -5.10
C MET A 103 13.39 0.89 -5.14
N GLU A 104 14.02 0.49 -6.26
CA GLU A 104 15.47 0.61 -6.36
C GLU A 104 15.91 2.07 -6.38
N ILE A 105 15.14 2.95 -7.03
CA ILE A 105 15.45 4.38 -6.95
C ILE A 105 15.30 4.89 -5.51
N MET A 106 14.18 4.57 -4.87
CA MET A 106 14.01 5.02 -3.49
C MET A 106 15.14 4.58 -2.58
N SER A 107 15.62 3.34 -2.75
CA SER A 107 16.67 2.79 -1.91
C SER A 107 17.99 3.54 -2.02
N ARG A 108 18.18 4.38 -3.04
CA ARG A 108 19.41 5.18 -3.12
C ARG A 108 19.43 6.29 -2.07
N PHE A 109 18.25 6.73 -1.62
CA PHE A 109 18.19 7.84 -0.68
C PHE A 109 18.22 7.39 0.76
N ALA A 110 17.66 6.22 1.06
CA ALA A 110 17.51 5.77 2.44
C ALA A 110 16.99 4.35 2.45
N VAL A 111 17.06 3.74 3.64
CA VAL A 111 16.41 2.47 3.90
C VAL A 111 14.90 2.60 3.73
N ILE A 112 14.31 1.66 2.99
CA ILE A 112 12.88 1.69 2.74
C ILE A 112 12.24 0.39 3.24
N GLU A 113 10.96 0.48 3.55
CA GLU A 113 10.10 -0.66 3.85
C GLU A 113 9.05 -0.73 2.76
N ARG A 114 9.14 -1.76 1.91
CA ARG A 114 8.10 -2.01 0.92
C ARG A 114 6.80 -2.30 1.64
N ALA A 115 5.82 -1.41 1.52
CA ALA A 115 4.56 -1.65 2.21
C ALA A 115 3.50 -2.20 1.29
N SER A 116 3.69 -2.06 -0.02
CA SER A 116 2.76 -2.67 -1.02
C SER A 116 3.48 -2.59 -2.36
N ILE A 117 2.83 -3.09 -3.41
CA ILE A 117 3.41 -3.01 -4.78
C ILE A 117 3.68 -1.56 -5.17
N ASP A 118 2.96 -0.60 -4.61
CA ASP A 118 3.16 0.77 -5.12
C ASP A 118 3.55 1.77 -4.03
N GLU A 119 3.89 1.27 -2.85
CA GLU A 119 4.22 2.24 -1.79
CA GLU A 119 4.23 2.25 -1.81
C GLU A 119 5.35 1.76 -0.89
N ALA A 120 6.12 2.73 -0.41
CA ALA A 120 7.18 2.38 0.52
C ALA A 120 7.38 3.49 1.56
N TYR A 121 7.60 3.09 2.81
CA TYR A 121 8.04 4.05 3.82
C TYR A 121 9.54 4.26 3.73
N VAL A 122 9.97 5.45 4.14
CA VAL A 122 11.35 5.91 4.07
C VAL A 122 11.70 6.48 5.43
N ASP A 123 12.76 5.97 6.06
CA ASP A 123 13.27 6.58 7.28
C ASP A 123 14.33 7.62 6.89
N LEU A 124 13.97 8.90 6.98
CA LEU A 124 14.84 9.98 6.51
C LEU A 124 15.62 10.65 7.64
N THR A 125 15.53 10.15 8.86
CA THR A 125 16.13 10.85 9.99
C THR A 125 17.61 11.15 9.73
N SER A 126 18.38 10.14 9.31
CA SER A 126 19.81 10.31 9.11
C SER A 126 20.11 11.22 7.92
C SER A 126 20.11 11.22 7.92
N ALA A 127 19.41 10.99 6.80
CA ALA A 127 19.58 11.86 5.64
C ALA A 127 19.27 13.31 5.97
N VAL A 128 18.28 13.55 6.84
CA VAL A 128 17.95 14.92 7.25
C VAL A 128 19.09 15.51 8.07
N GLN A 129 19.65 14.75 9.01
CA GLN A 129 20.77 15.29 9.77
C GLN A 129 21.93 15.64 8.85
N GLU A 130 22.21 14.77 7.87
CA GLU A 130 23.25 15.02 6.88
C GLU A 130 23.00 16.32 6.13
N ARG A 131 21.79 16.47 5.56
CA ARG A 131 21.50 17.64 4.76
C ARG A 131 21.53 18.91 5.60
N LEU A 132 21.12 18.82 6.87
CA LEU A 132 21.16 19.97 7.76
C LEU A 132 22.59 20.39 8.03
N GLN A 133 23.49 19.43 8.23
CA GLN A 133 24.91 19.78 8.37
C GLN A 133 25.45 20.40 7.09
N LYS A 134 24.95 19.99 5.93
CA LYS A 134 25.43 20.58 4.66
C LYS A 134 24.87 21.99 4.48
N LEU A 135 23.74 22.28 5.10
CA LEU A 135 23.07 23.58 4.82
C LEU A 135 23.80 24.69 5.58
N GLN A 136 24.61 24.34 6.59
CA GLN A 136 25.43 25.36 7.28
C GLN A 136 24.56 26.58 7.58
N GLY A 137 23.43 26.35 8.21
CA GLY A 137 22.49 27.43 8.58
C GLY A 137 21.64 28.10 7.49
N GLN A 138 21.83 27.80 6.20
CA GLN A 138 21.08 28.58 5.18
C GLN A 138 19.58 28.30 5.25
N PRO A 139 18.74 29.33 5.10
CA PRO A 139 17.30 29.15 5.09
C PRO A 139 16.79 28.20 4.00
N ILE A 140 15.56 27.74 4.15
CA ILE A 140 14.98 26.81 3.14
C ILE A 140 14.09 27.59 2.18
N SER A 141 14.46 27.65 0.92
CA SER A 141 13.74 28.42 -0.08
C SER A 141 12.50 27.65 -0.54
N ALA A 142 11.40 28.38 -0.76
CA ALA A 142 10.19 27.76 -1.30
C ALA A 142 10.46 27.04 -2.61
N ASP A 143 11.48 27.48 -3.36
CA ASP A 143 11.83 26.83 -4.61
C ASP A 143 12.26 25.39 -4.42
N LEU A 144 12.74 25.04 -3.23
CA LEU A 144 13.07 23.67 -2.93
C LEU A 144 11.86 22.81 -2.62
N LEU A 145 10.69 23.41 -2.46
CA LEU A 145 9.47 22.67 -2.09
C LEU A 145 8.33 22.95 -3.08
N PRO A 146 8.55 22.75 -4.39
CA PRO A 146 7.57 23.21 -5.38
C PRO A 146 6.28 22.41 -5.46
N SER A 147 6.18 21.25 -4.79
CA SER A 147 4.93 20.49 -4.84
C SER A 147 4.45 20.10 -3.45
N THR A 148 4.91 20.83 -2.42
CA THR A 148 4.65 20.50 -1.03
C THR A 148 3.49 21.34 -0.50
N TYR A 149 2.56 20.68 0.17
CA TYR A 149 1.51 21.32 0.96
C TYR A 149 1.90 21.21 2.42
N ILE A 150 1.63 22.26 3.18
CA ILE A 150 1.78 22.18 4.64
C ILE A 150 0.38 22.04 5.22
N GLU A 151 0.09 20.88 5.80
CA GLU A 151 -1.26 20.64 6.28
C GLU A 151 -1.58 21.62 7.40
N GLY A 152 -2.77 22.24 7.30
CA GLY A 152 -3.22 23.21 8.29
C GLY A 152 -2.97 24.64 7.91
N LEU A 153 -2.20 24.86 6.86
CA LEU A 153 -1.89 26.22 6.44
C LEU A 153 -2.36 26.41 5.00
N PRO A 154 -2.65 27.64 4.57
CA PRO A 154 -2.54 28.86 5.39
C PRO A 154 -3.67 28.98 6.41
N GLN A 155 -3.39 29.74 7.45
CA GLN A 155 -4.32 30.06 8.52
C GLN A 155 -4.25 31.54 8.81
N GLY A 156 -5.25 32.03 9.56
CA GLY A 156 -5.18 33.33 10.17
C GLY A 156 -5.66 34.45 9.29
N PRO A 157 -5.46 35.70 9.76
CA PRO A 157 -5.85 36.94 9.06
C PRO A 157 -5.00 37.23 7.83
N THR A 163 -6.57 35.25 -2.89
CA THR A 163 -6.30 34.25 -3.92
C THR A 163 -7.26 33.06 -3.81
N VAL A 164 -7.80 32.65 -4.96
CA VAL A 164 -8.87 31.65 -5.01
C VAL A 164 -8.45 30.53 -5.93
N GLN A 165 -7.14 30.29 -6.04
CA GLN A 165 -6.55 29.27 -6.88
C GLN A 165 -5.83 28.26 -6.00
N LYS A 166 -5.84 26.98 -6.43
CA LYS A 166 -5.26 25.91 -5.63
C LYS A 166 -3.76 26.13 -5.39
N GLU A 167 -3.02 26.46 -6.46
CA GLU A 167 -1.59 26.68 -6.30
C GLU A 167 -1.31 27.92 -5.47
N GLY A 168 -2.18 28.93 -5.56
CA GLY A 168 -2.02 30.11 -4.73
C GLY A 168 -2.12 29.79 -3.25
N MET A 169 -3.13 28.99 -2.87
CA MET A 169 -3.24 28.59 -1.47
C MET A 169 -2.08 27.71 -1.05
N ARG A 170 -1.67 26.77 -1.90
CA ARG A 170 -0.52 25.96 -1.52
C ARG A 170 0.68 26.84 -1.20
N LYS A 171 0.97 27.82 -2.08
CA LYS A 171 2.10 28.71 -1.89
C LYS A 171 1.95 29.57 -0.64
N GLN A 172 0.74 30.07 -0.37
CA GLN A 172 0.54 30.88 0.83
C GLN A 172 0.83 30.07 2.08
N GLY A 173 0.29 28.85 2.15
CA GLY A 173 0.57 28.03 3.31
C GLY A 173 2.05 27.73 3.45
N LEU A 174 2.71 27.41 2.34
CA LEU A 174 4.14 27.14 2.39
C LEU A 174 4.92 28.37 2.85
N PHE A 175 4.55 29.57 2.36
CA PHE A 175 5.23 30.79 2.82
C PHE A 175 5.06 30.98 4.32
N GLN A 176 3.83 30.82 4.82
CA GLN A 176 3.62 30.96 6.27
C GLN A 176 4.51 30.00 7.05
N TRP A 177 4.57 28.75 6.58
CA TRP A 177 5.39 27.75 7.24
C TRP A 177 6.86 28.13 7.23
N LEU A 178 7.39 28.50 6.05
CA LEU A 178 8.80 28.79 5.93
C LEU A 178 9.17 30.06 6.67
N ASP A 179 8.23 31.00 6.76
CA ASP A 179 8.50 32.23 7.50
C ASP A 179 8.60 31.96 8.98
N SER A 180 7.78 31.03 9.50
CA SER A 180 7.93 30.73 10.92
C SER A 180 9.14 29.89 11.25
N LEU A 181 9.77 29.25 10.27
CA LEU A 181 10.80 28.24 10.55
C LEU A 181 12.02 28.83 11.25
N GLN A 182 12.43 28.20 12.36
CA GLN A 182 13.66 28.58 13.07
C GLN A 182 14.77 27.65 12.60
N ILE A 183 15.65 28.17 11.74
CA ILE A 183 16.62 27.35 11.03
C ILE A 183 17.98 27.36 11.71
N ASP A 184 18.02 27.88 12.95
CA ASP A 184 19.27 28.09 13.65
C ASP A 184 19.63 26.96 14.61
N ASN A 185 18.74 26.01 14.86
CA ASN A 185 19.08 24.81 15.61
C ASN A 185 18.75 23.58 14.78
N LEU A 186 19.71 22.68 14.63
CA LEU A 186 19.48 21.47 13.85
C LEU A 186 18.61 20.44 14.59
N THR A 187 18.00 20.84 15.71
CA THR A 187 17.21 19.93 16.54
C THR A 187 15.72 20.25 16.56
N SER A 188 15.26 21.27 15.83
CA SER A 188 13.82 21.53 15.78
C SER A 188 13.12 20.48 14.93
N PRO A 189 12.12 19.78 15.47
CA PRO A 189 11.40 18.80 14.65
C PRO A 189 10.75 19.40 13.41
N ASP A 190 10.20 20.63 13.47
CA ASP A 190 9.58 21.20 12.28
C ASP A 190 10.60 21.43 11.18
N LEU A 191 11.80 21.89 11.57
CA LEU A 191 12.88 22.06 10.61
C LEU A 191 13.29 20.71 10.03
N GLN A 192 13.36 19.69 10.87
CA GLN A 192 13.75 18.37 10.39
C GLN A 192 12.73 17.83 9.40
N LEU A 193 11.43 17.99 9.70
CA LEU A 193 10.41 17.61 8.73
C LEU A 193 10.55 18.39 7.42
N THR A 194 10.83 19.69 7.50
CA THR A 194 10.98 20.50 6.31
C THR A 194 12.11 19.99 5.44
N VAL A 195 13.26 19.70 6.06
CA VAL A 195 14.37 19.15 5.28
C VAL A 195 13.98 17.80 4.71
N GLY A 196 13.26 16.99 5.51
CA GLY A 196 12.73 15.73 4.98
C GLY A 196 11.91 15.95 3.72
N ALA A 197 11.06 16.96 3.74
CA ALA A 197 10.25 17.25 2.55
C ALA A 197 11.11 17.69 1.36
N VAL A 198 12.20 18.41 1.61
CA VAL A 198 13.10 18.76 0.52
C VAL A 198 13.66 17.50 -0.12
N ILE A 199 14.09 16.56 0.72
CA ILE A 199 14.63 15.29 0.24
C ILE A 199 13.56 14.51 -0.52
N VAL A 200 12.32 14.52 -0.03
CA VAL A 200 11.27 13.78 -0.73
C VAL A 200 10.94 14.41 -2.07
N GLU A 201 11.00 15.75 -2.16
CA GLU A 201 10.88 16.39 -3.46
C GLU A 201 11.93 15.84 -4.42
N GLU A 202 13.17 15.73 -3.95
CA GLU A 202 14.25 15.19 -4.79
C GLU A 202 13.99 13.73 -5.16
N MET A 203 13.55 12.93 -4.19
CA MET A 203 13.25 11.52 -4.45
C MET A 203 12.15 11.39 -5.49
N ARG A 204 11.09 12.17 -5.34
CA ARG A 204 9.97 12.08 -6.28
C ARG A 204 10.40 12.57 -7.65
N ALA A 205 11.27 13.60 -7.71
CA ALA A 205 11.80 14.05 -8.99
C ALA A 205 12.61 12.94 -9.66
N ALA A 206 13.42 12.24 -8.87
CA ALA A 206 14.22 11.15 -9.40
C ALA A 206 13.32 10.03 -9.91
N ILE A 207 12.30 9.66 -9.14
CA ILE A 207 11.39 8.61 -9.61
C ILE A 207 10.77 9.02 -10.94
N GLU A 208 10.26 10.25 -11.05
CA GLU A 208 9.60 10.62 -12.29
C GLU A 208 10.59 10.71 -13.45
N ARG A 209 11.80 11.26 -13.18
CA ARG A 209 12.79 11.36 -14.24
C ARG A 209 13.19 10.00 -14.76
N GLU A 210 13.38 9.04 -13.87
CA GLU A 210 14.00 7.76 -14.24
C GLU A 210 12.98 6.68 -14.57
N THR A 211 11.69 6.89 -14.27
CA THR A 211 10.68 5.90 -14.64
C THR A 211 9.52 6.47 -15.44
N GLY A 212 9.30 7.78 -15.41
CA GLY A 212 8.09 8.36 -15.96
C GLY A 212 6.92 8.38 -15.01
N PHE A 213 7.03 7.76 -13.84
CA PHE A 213 5.89 7.58 -12.95
C PHE A 213 5.84 8.73 -11.96
N GLN A 214 4.65 9.29 -11.79
CA GLN A 214 4.40 10.27 -10.74
C GLN A 214 3.92 9.60 -9.46
N CYS A 215 4.22 10.25 -8.35
CA CYS A 215 3.76 9.71 -7.08
C CYS A 215 3.41 10.86 -6.15
N SER A 216 2.73 10.50 -5.08
CA SER A 216 2.49 11.44 -4.00
C SER A 216 3.27 10.98 -2.79
N ALA A 217 3.35 11.84 -1.77
CA ALA A 217 4.07 11.43 -0.59
C ALA A 217 3.57 12.20 0.63
N GLY A 218 3.73 11.57 1.78
CA GLY A 218 3.50 12.23 3.05
C GLY A 218 4.80 12.24 3.83
N ILE A 219 5.04 13.35 4.55
CA ILE A 219 6.21 13.46 5.42
C ILE A 219 5.71 13.81 6.80
N SER A 220 6.07 13.00 7.81
CA SER A 220 5.70 13.30 9.20
C SER A 220 6.69 12.60 10.12
N HIS A 221 6.30 12.41 11.37
CA HIS A 221 7.21 11.86 12.35
C HIS A 221 7.05 10.35 12.53
N ASN A 222 6.10 9.73 11.85
CA ASN A 222 5.90 8.29 11.97
C ASN A 222 5.13 7.80 10.75
N LYS A 223 4.99 6.48 10.69
CA LYS A 223 4.41 5.85 9.51
C LYS A 223 2.92 6.18 9.34
N VAL A 224 2.13 6.13 10.44
CA VAL A 224 0.69 6.36 10.30
C VAL A 224 0.41 7.79 9.82
N LEU A 225 1.11 8.76 10.40
CA LEU A 225 0.92 10.13 9.98
C LEU A 225 1.43 10.36 8.57
N ALA A 226 2.54 9.72 8.20
CA ALA A 226 3.03 9.88 6.83
C ALA A 226 2.06 9.31 5.80
N LYS A 227 1.47 8.14 6.07
N LYS A 227 1.47 8.15 6.07
CA LYS A 227 0.46 7.58 5.17
CA LYS A 227 0.46 7.59 5.15
C LYS A 227 -0.77 8.47 5.05
C LYS A 227 -0.76 8.52 5.05
N LEU A 228 -1.29 8.93 6.21
CA LEU A 228 -2.42 9.83 6.21
C LEU A 228 -2.10 11.10 5.42
N ALA A 229 -0.92 11.66 5.66
CA ALA A 229 -0.47 12.87 4.98
C ALA A 229 -0.43 12.65 3.48
N CYS A 230 0.09 11.50 3.05
CA CYS A 230 0.22 11.22 1.63
C CYS A 230 -1.14 11.31 0.94
N GLY A 231 -2.17 10.81 1.62
CA GLY A 231 -3.52 10.88 1.02
C GLY A 231 -4.16 12.28 0.92
N LEU A 232 -3.63 13.30 1.59
CA LEU A 232 -4.36 14.57 1.69
C LEU A 232 -4.32 15.38 0.40
N ASN A 233 -3.28 15.20 -0.40
CA ASN A 233 -3.12 16.03 -1.62
C ASN A 233 -2.59 15.15 -2.74
N LYS A 234 -3.49 14.49 -3.44
CA LYS A 234 -3.12 13.64 -4.58
C LYS A 234 -3.87 14.22 -5.78
N PRO A 235 -3.41 14.05 -7.01
CA PRO A 235 -2.13 13.43 -7.27
C PRO A 235 -0.90 14.31 -7.45
N ASN A 236 0.27 13.68 -7.56
CA ASN A 236 1.51 14.41 -7.90
C ASN A 236 1.84 15.52 -6.90
N ARG A 237 1.54 15.29 -5.63
CA ARG A 237 1.85 16.33 -4.63
C ARG A 237 2.36 15.64 -3.38
N GLN A 238 2.99 16.39 -2.50
CA GLN A 238 3.38 15.84 -1.20
C GLN A 238 2.91 16.77 -0.09
N THR A 239 2.72 16.18 1.10
CA THR A 239 2.12 16.89 2.22
C THR A 239 2.95 16.63 3.46
N LEU A 240 3.27 17.70 4.17
CA LEU A 240 3.97 17.65 5.43
C LEU A 240 2.95 17.80 6.55
N VAL A 241 2.85 16.80 7.41
CA VAL A 241 1.98 16.87 8.59
C VAL A 241 2.88 17.00 9.80
N SER A 242 2.90 18.19 10.40
CA SER A 242 3.75 18.43 11.55
C SER A 242 3.08 17.91 12.83
N HIS A 243 3.88 17.72 13.88
CA HIS A 243 3.32 17.37 15.17
C HIS A 243 2.22 18.34 15.58
N GLY A 244 2.46 19.65 15.35
CA GLY A 244 1.51 20.66 15.80
C GLY A 244 0.20 20.66 15.03
N SER A 245 0.22 20.15 13.79
CA SER A 245 -1.01 20.09 13.00
C SER A 245 -1.96 19.00 13.47
N VAL A 246 -1.53 18.13 14.38
CA VAL A 246 -2.34 16.95 14.65
C VAL A 246 -3.65 17.27 15.36
N PRO A 247 -3.70 18.14 16.38
CA PRO A 247 -5.02 18.40 17.03
C PRO A 247 -6.11 18.84 16.06
N GLN A 248 -5.80 19.79 15.18
CA GLN A 248 -6.84 20.26 14.28
C GLN A 248 -7.16 19.22 13.23
N LEU A 249 -6.12 18.56 12.71
CA LEU A 249 -6.33 17.52 11.70
C LEU A 249 -7.22 16.40 12.23
N PHE A 250 -6.93 15.94 13.44
CA PHE A 250 -7.66 14.82 14.03
C PHE A 250 -9.02 15.21 14.57
N SER A 251 -9.28 16.52 14.73
CA SER A 251 -10.53 16.93 15.36
C SER A 251 -11.73 16.61 14.48
N GLN A 252 -11.53 16.48 13.16
CA GLN A 252 -12.62 16.12 12.28
C GLN A 252 -12.28 14.90 11.41
N MET A 253 -11.26 14.13 11.80
CA MET A 253 -10.79 12.95 11.07
C MET A 253 -11.62 11.74 11.48
N PRO A 254 -12.47 11.19 10.62
CA PRO A 254 -13.14 9.92 10.96
C PRO A 254 -12.13 8.86 11.34
N ILE A 255 -12.48 8.09 12.37
CA ILE A 255 -11.56 7.09 12.90
C ILE A 255 -11.13 6.11 11.80
N ARG A 256 -12.03 5.77 10.86
CA ARG A 256 -11.72 4.76 9.84
C ARG A 256 -10.63 5.20 8.87
N LYS A 257 -10.26 6.48 8.85
CA LYS A 257 -9.23 6.92 7.92
C LYS A 257 -7.82 6.56 8.36
N ILE A 258 -7.62 6.14 9.60
CA ILE A 258 -6.27 5.88 10.11
C ILE A 258 -5.97 4.42 9.81
N ARG A 259 -4.75 4.16 9.32
CA ARG A 259 -4.41 2.80 8.90
C ARG A 259 -4.54 1.84 10.08
N SER A 260 -5.30 0.76 9.84
CA SER A 260 -5.61 -0.36 10.75
C SER A 260 -6.97 -0.17 11.45
N LEU A 261 -7.59 1.00 11.30
CA LEU A 261 -8.89 1.28 11.90
C LEU A 261 -10.02 1.31 10.88
N GLY A 262 -9.79 0.86 9.65
CA GLY A 262 -10.86 0.90 8.66
C GLY A 262 -11.81 -0.27 8.67
N GLY A 263 -11.59 -1.22 9.58
CA GLY A 263 -12.40 -2.41 9.62
C GLY A 263 -13.14 -2.59 10.94
N LYS A 264 -13.17 -3.82 11.46
CA LYS A 264 -14.00 -4.12 12.62
C LYS A 264 -13.52 -3.40 13.88
N LEU A 265 -12.20 -3.33 14.08
CA LEU A 265 -11.67 -2.66 15.27
C LEU A 265 -12.10 -1.19 15.30
N GLY A 266 -11.95 -0.48 14.19
CA GLY A 266 -12.38 0.92 14.17
C GLY A 266 -13.88 1.07 14.40
N ALA A 267 -14.66 0.13 13.86
CA ALA A 267 -16.10 0.16 14.10
C ALA A 267 -16.40 -0.03 15.58
N SER A 268 -15.63 -0.88 16.26
CA SER A 268 -15.89 -1.08 17.69
C SER A 268 -15.42 0.12 18.50
N VAL A 269 -14.32 0.77 18.10
CA VAL A 269 -13.94 2.01 18.76
C VAL A 269 -15.11 3.00 18.70
N ILE A 270 -15.70 3.13 17.52
CA ILE A 270 -16.79 4.08 17.32
C ILE A 270 -18.00 3.71 18.16
N GLU A 271 -18.38 2.43 18.13
CA GLU A 271 -19.59 2.00 18.81
C GLU A 271 -19.41 2.00 20.33
N ILE A 272 -18.31 1.41 20.81
CA ILE A 272 -18.10 1.27 22.25
C ILE A 272 -17.91 2.63 22.89
N LEU A 273 -17.14 3.52 22.26
CA LEU A 273 -16.83 4.78 22.92
C LEU A 273 -17.84 5.87 22.61
N GLY A 274 -18.67 5.71 21.58
CA GLY A 274 -19.64 6.72 21.21
C GLY A 274 -19.03 7.94 20.58
N ILE A 275 -17.95 7.77 19.83
CA ILE A 275 -17.23 8.88 19.22
C ILE A 275 -17.18 8.66 17.71
N GLU A 276 -16.77 9.70 16.98
CA GLU A 276 -16.63 9.63 15.53
C GLU A 276 -15.23 9.94 15.02
N TYR A 277 -14.50 10.81 15.71
CA TYR A 277 -13.26 11.39 15.19
C TYR A 277 -12.06 10.96 16.02
N MET A 278 -10.92 10.90 15.33
CA MET A 278 -9.70 10.40 15.94
C MET A 278 -9.37 11.24 17.19
N GLY A 279 -9.58 12.56 17.11
CA GLY A 279 -9.22 13.44 18.21
C GLY A 279 -9.99 13.18 19.49
N GLU A 280 -11.23 12.67 19.37
CA GLU A 280 -12.01 12.37 20.56
C GLU A 280 -11.35 11.29 21.42
N LEU A 281 -10.44 10.51 20.84
CA LEU A 281 -9.79 9.50 21.66
C LEU A 281 -8.96 10.10 22.78
N THR A 282 -8.56 11.37 22.66
CA THR A 282 -7.68 11.90 23.71
C THR A 282 -8.38 11.91 25.06
N GLN A 283 -9.71 11.81 25.10
CA GLN A 283 -10.35 11.99 26.40
C GLN A 283 -10.40 10.74 27.26
N PHE A 284 -9.80 9.66 26.80
CA PHE A 284 -9.80 8.38 27.49
C PHE A 284 -8.41 8.11 28.04
N THR A 285 -8.35 7.45 29.20
CA THR A 285 -7.05 7.07 29.72
C THR A 285 -6.52 5.88 28.95
N GLU A 286 -5.20 5.71 29.03
CA GLU A 286 -4.59 4.55 28.39
C GLU A 286 -5.23 3.28 28.91
N SER A 287 -5.47 3.19 30.22
N SER A 287 -5.47 3.19 30.22
CA SER A 287 -6.08 1.98 30.79
C SER A 287 -7.50 1.77 30.26
N GLN A 288 -8.28 2.85 30.09
CA GLN A 288 -9.61 2.69 29.51
C GLN A 288 -9.52 2.07 28.11
N LEU A 289 -8.62 2.60 27.29
CA LEU A 289 -8.51 2.09 25.93
C LEU A 289 -8.04 0.65 25.93
N GLN A 290 -7.05 0.33 26.78
CA GLN A 290 -6.59 -1.06 26.87
C GLN A 290 -7.69 -1.98 27.36
N SER A 291 -8.56 -1.48 28.25
CA SER A 291 -9.66 -2.31 28.74
C SER A 291 -10.62 -2.67 27.62
N HIS A 292 -10.84 -1.75 26.68
CA HIS A 292 -11.78 -2.10 25.61
C HIS A 292 -11.11 -2.88 24.48
N PHE A 293 -9.88 -2.51 24.11
CA PHE A 293 -9.29 -2.93 22.85
C PHE A 293 -8.04 -3.77 23.04
N GLY A 294 -7.70 -4.14 24.27
CA GLY A 294 -6.51 -4.92 24.52
C GLY A 294 -5.30 -4.04 24.79
N GLU A 295 -4.30 -4.64 25.42
CA GLU A 295 -3.16 -3.86 25.89
C GLU A 295 -2.40 -3.21 24.73
N LYS A 296 -2.14 -3.97 23.66
CA LYS A 296 -1.36 -3.42 22.55
C LYS A 296 -2.15 -2.35 21.80
N ASN A 297 -3.37 -2.69 21.39
CA ASN A 297 -4.22 -1.73 20.69
C ASN A 297 -4.47 -0.50 21.54
N GLY A 298 -4.69 -0.70 22.85
CA GLY A 298 -5.01 0.43 23.70
C GLY A 298 -3.86 1.42 23.84
N SER A 299 -2.64 0.91 24.09
CA SER A 299 -1.46 1.77 24.14
C SER A 299 -1.23 2.47 22.80
N TRP A 300 -1.42 1.71 21.70
CA TRP A 300 -1.24 2.30 20.38
C TRP A 300 -2.24 3.42 20.15
N LEU A 301 -3.52 3.19 20.46
CA LEU A 301 -4.53 4.23 20.27
C LEU A 301 -4.26 5.44 21.16
N TYR A 302 -3.85 5.19 22.41
CA TYR A 302 -3.58 6.29 23.32
C TYR A 302 -2.49 7.21 22.78
N ALA A 303 -1.41 6.62 22.24
CA ALA A 303 -0.36 7.46 21.67
C ALA A 303 -0.76 8.01 20.31
N MET A 304 -1.46 7.23 19.50
CA MET A 304 -1.70 7.64 18.12
C MET A 304 -2.68 8.79 18.02
N CYS A 305 -3.67 8.88 18.91
CA CYS A 305 -4.55 10.04 18.85
C CYS A 305 -3.86 11.33 19.26
N ARG A 306 -2.68 11.25 19.86
CA ARG A 306 -1.81 12.39 20.15
C ARG A 306 -0.71 12.57 19.08
N GLY A 307 -0.79 11.83 17.99
CA GLY A 307 0.14 11.95 16.88
C GLY A 307 1.41 11.14 17.02
N ILE A 308 1.45 10.20 17.96
CA ILE A 308 2.68 9.50 18.34
C ILE A 308 2.54 8.02 18.02
N GLU A 309 3.56 7.48 17.35
CA GLU A 309 3.56 6.07 17.03
C GLU A 309 5.02 5.65 16.85
N HIS A 310 5.37 4.45 17.30
CA HIS A 310 6.77 4.06 17.31
C HIS A 310 7.14 2.98 16.32
N ASP A 311 6.17 2.43 15.59
CA ASP A 311 6.40 1.36 14.63
C ASP A 311 7.56 1.73 13.71
N PRO A 312 8.63 0.94 13.67
CA PRO A 312 9.76 1.31 12.83
C PRO A 312 9.54 1.06 11.36
N VAL A 313 10.26 1.86 10.56
CA VAL A 313 10.43 1.60 9.14
C VAL A 313 11.35 0.39 9.04
N LYS A 314 10.80 -0.77 8.69
CA LYS A 314 11.65 -1.96 8.65
C LYS A 314 12.49 -1.97 7.37
N PRO A 315 13.76 -2.39 7.49
CA PRO A 315 14.62 -2.51 6.31
C PRO A 315 14.25 -3.74 5.51
N ARG A 316 13.29 -3.56 4.61
CA ARG A 316 12.79 -4.70 3.82
C ARG A 316 12.23 -4.13 2.52
N GLN A 317 13.00 -4.28 1.45
CA GLN A 317 12.61 -3.85 0.12
C GLN A 317 11.89 -4.95 -0.66
N LEU A 318 12.04 -6.19 -0.25
CA LEU A 318 11.47 -7.32 -0.98
C LEU A 318 10.27 -7.93 -0.24
N PRO A 319 9.30 -8.45 -0.98
CA PRO A 319 8.18 -9.15 -0.34
C PRO A 319 8.65 -10.39 0.44
N LYS A 320 7.94 -10.68 1.55
CA LYS A 320 8.29 -11.83 2.40
C LYS A 320 7.72 -13.13 1.89
N THR A 321 6.73 -13.07 1.02
CA THR A 321 6.05 -14.24 0.49
C THR A 321 5.88 -14.02 -1.00
N ILE A 322 5.76 -15.12 -1.74
CA ILE A 322 5.50 -15.07 -3.17
C ILE A 322 4.35 -16.03 -3.41
N GLY A 323 3.21 -15.51 -3.83
CA GLY A 323 2.00 -16.30 -3.90
C GLY A 323 1.25 -16.11 -5.20
N CYS A 324 0.36 -17.08 -5.48
CA CYS A 324 -0.41 -17.24 -6.71
C CYS A 324 -1.82 -17.64 -6.30
N SER A 325 -2.85 -16.93 -6.76
CA SER A 325 -4.19 -17.30 -6.34
CA SER A 325 -4.21 -17.21 -6.31
C SER A 325 -5.18 -17.06 -7.46
N LYS A 326 -6.24 -17.87 -7.46
CA LYS A 326 -7.32 -17.75 -8.43
C LYS A 326 -8.64 -18.15 -7.80
N ASN A 327 -9.64 -17.29 -7.99
CA ASN A 327 -11.03 -17.61 -7.65
C ASN A 327 -11.73 -18.33 -8.79
N PHE A 328 -12.72 -19.14 -8.42
CA PHE A 328 -13.54 -19.88 -9.37
C PHE A 328 -14.97 -19.66 -8.90
N PRO A 329 -15.55 -18.51 -9.22
CA PRO A 329 -16.82 -18.12 -8.60
C PRO A 329 -18.00 -18.85 -9.21
N GLY A 330 -19.06 -18.96 -8.40
CA GLY A 330 -20.33 -19.50 -8.83
C GLY A 330 -20.25 -20.80 -9.58
N LYS A 331 -20.58 -20.76 -10.88
CA LYS A 331 -20.70 -21.96 -11.68
C LYS A 331 -19.38 -22.53 -12.18
N THR A 332 -18.28 -21.78 -12.07
CA THR A 332 -16.99 -22.28 -12.58
C THR A 332 -16.16 -22.96 -11.50
N ALA A 333 -16.75 -23.19 -10.33
CA ALA A 333 -16.05 -23.91 -9.26
C ALA A 333 -15.55 -25.27 -9.75
N LEU A 334 -14.46 -25.72 -9.16
CA LEU A 334 -13.77 -26.92 -9.62
C LEU A 334 -14.43 -28.13 -8.99
N ALA A 335 -14.95 -29.03 -9.81
CA ALA A 335 -15.75 -30.15 -9.31
C ALA A 335 -15.22 -31.52 -9.69
N THR A 336 -14.12 -31.59 -10.44
CA THR A 336 -13.48 -32.85 -10.77
C THR A 336 -12.02 -32.84 -10.33
N ARG A 337 -11.51 -34.01 -9.96
CA ARG A 337 -10.12 -34.12 -9.55
C ARG A 337 -9.17 -33.66 -10.65
N GLU A 338 -9.50 -33.97 -11.90
CA GLU A 338 -8.69 -33.53 -13.03
C GLU A 338 -8.65 -32.01 -13.11
N GLN A 339 -9.78 -31.37 -12.83
CA GLN A 339 -9.86 -29.91 -12.83
C GLN A 339 -8.97 -29.31 -11.74
N VAL A 340 -9.14 -29.80 -10.51
CA VAL A 340 -8.36 -29.31 -9.37
C VAL A 340 -6.87 -29.48 -9.65
N GLN A 341 -6.47 -30.66 -10.14
CA GLN A 341 -5.07 -30.90 -10.43
C GLN A 341 -4.54 -30.01 -11.56
N TRP A 342 -5.35 -29.77 -12.59
CA TRP A 342 -4.89 -28.92 -13.68
C TRP A 342 -4.64 -27.49 -13.19
N TRP A 343 -5.55 -26.97 -12.36
CA TRP A 343 -5.38 -25.59 -11.90
C TRP A 343 -4.27 -25.50 -10.87
N LEU A 344 -4.11 -26.50 -10.00
CA LEU A 344 -2.96 -26.48 -9.10
C LEU A 344 -1.68 -26.45 -9.92
N LEU A 345 -1.66 -27.17 -11.06
CA LEU A 345 -0.46 -27.13 -11.88
C LEU A 345 -0.26 -25.75 -12.51
N GLN A 346 -1.34 -25.11 -12.95
CA GLN A 346 -1.18 -23.77 -13.54
C GLN A 346 -0.59 -22.80 -12.52
N LEU A 347 -1.18 -22.79 -11.32
CA LEU A 347 -0.68 -21.94 -10.23
C LEU A 347 0.78 -22.26 -9.92
N ALA A 348 1.12 -23.55 -9.84
CA ALA A 348 2.47 -23.97 -9.48
C ALA A 348 3.48 -23.60 -10.55
N GLN A 349 3.06 -23.62 -11.81
CA GLN A 349 3.97 -23.20 -12.87
C GLN A 349 4.26 -21.71 -12.79
N GLU A 350 3.23 -20.90 -12.50
CA GLU A 350 3.52 -19.48 -12.30
C GLU A 350 4.42 -19.27 -11.10
N LEU A 351 4.13 -19.98 -10.00
CA LEU A 351 4.95 -19.87 -8.79
C LEU A 351 6.40 -20.26 -9.06
N GLU A 352 6.62 -21.40 -9.73
CA GLU A 352 7.95 -21.82 -10.15
C GLU A 352 8.69 -20.72 -10.89
N GLU A 353 8.01 -20.08 -11.83
CA GLU A 353 8.70 -19.07 -12.63
C GLU A 353 9.09 -17.87 -11.76
N ARG A 354 8.16 -17.43 -10.91
CA ARG A 354 8.45 -16.28 -10.06
C ARG A 354 9.53 -16.60 -9.04
N LEU A 355 9.47 -17.81 -8.45
CA LEU A 355 10.46 -18.22 -7.47
C LEU A 355 11.85 -18.35 -8.10
N THR A 356 11.94 -18.94 -9.30
CA THR A 356 13.25 -19.04 -9.92
C THR A 356 13.84 -17.66 -10.20
N LYS A 357 13.02 -16.74 -10.74
CA LYS A 357 13.53 -15.38 -10.91
C LYS A 357 13.95 -14.77 -9.58
N ASP A 358 13.15 -15.00 -8.52
CA ASP A 358 13.47 -14.46 -7.21
C ASP A 358 14.82 -14.97 -6.70
N ARG A 359 15.05 -16.28 -6.84
CA ARG A 359 16.30 -16.87 -6.36
C ARG A 359 17.49 -16.26 -7.10
N ASN A 360 17.35 -16.03 -8.41
CA ASN A 360 18.46 -15.46 -9.16
C ASN A 360 18.69 -13.99 -8.80
N ASP A 361 17.61 -13.24 -8.57
CA ASP A 361 17.73 -11.81 -8.32
C ASP A 361 18.20 -11.52 -6.90
N ASN A 362 17.72 -12.29 -5.93
CA ASN A 362 17.75 -11.88 -4.53
C ASN A 362 18.49 -12.84 -3.61
N ASP A 363 19.07 -13.93 -4.14
CA ASP A 363 19.97 -14.78 -3.34
C ASP A 363 19.28 -15.34 -2.12
N ARG A 364 18.14 -15.99 -2.35
CA ARG A 364 17.35 -16.59 -1.28
C ARG A 364 16.49 -17.68 -1.90
N VAL A 365 16.04 -18.60 -1.05
CA VAL A 365 15.16 -19.69 -1.44
C VAL A 365 14.04 -19.81 -0.43
N ALA A 366 12.83 -20.04 -0.92
CA ALA A 366 11.70 -20.32 -0.05
C ALA A 366 11.79 -21.77 0.44
N THR A 367 11.30 -21.99 1.66
CA THR A 367 11.36 -23.33 2.22
C THR A 367 10.01 -23.88 2.65
N GLN A 368 8.92 -23.12 2.56
CA GLN A 368 7.61 -23.61 2.98
C GLN A 368 6.58 -23.27 1.92
N LEU A 369 5.77 -24.26 1.55
CA LEU A 369 4.65 -24.05 0.62
C LEU A 369 3.35 -24.07 1.42
N VAL A 370 2.55 -23.01 1.30
CA VAL A 370 1.25 -22.94 1.95
C VAL A 370 0.20 -23.11 0.85
N VAL A 371 -0.77 -23.99 1.09
CA VAL A 371 -1.87 -24.23 0.18
C VAL A 371 -3.13 -23.77 0.87
N SER A 372 -3.90 -22.92 0.21
CA SER A 372 -5.14 -22.42 0.77
C SER A 372 -6.25 -22.65 -0.24
N ILE A 373 -7.40 -23.08 0.27
CA ILE A 373 -8.55 -23.26 -0.60
C ILE A 373 -9.78 -22.62 0.04
N ARG A 374 -10.77 -22.40 -0.81
CA ARG A 374 -12.13 -22.05 -0.41
C ARG A 374 -13.05 -23.06 -1.05
N VAL A 375 -14.03 -23.54 -0.29
CA VAL A 375 -15.03 -24.45 -0.82
C VAL A 375 -16.35 -23.70 -0.98
N GLN A 376 -17.15 -24.14 -1.94
CA GLN A 376 -18.43 -23.49 -2.22
C GLN A 376 -19.31 -23.48 -0.98
N GLY A 377 -20.02 -22.38 -0.77
CA GLY A 377 -20.88 -22.24 0.38
C GLY A 377 -20.19 -21.79 1.65
N ASP A 378 -18.86 -21.70 1.67
CA ASP A 378 -18.11 -21.21 2.81
C ASP A 378 -17.99 -19.70 2.70
N LYS A 379 -18.36 -18.99 3.77
CA LYS A 379 -18.38 -17.53 3.73
C LYS A 379 -16.99 -16.93 3.84
N ARG A 380 -16.06 -17.66 4.45
CA ARG A 380 -14.68 -17.13 4.69
C ARG A 380 -13.87 -16.93 3.41
N LEU A 381 -12.81 -16.13 3.46
CA LEU A 381 -11.91 -15.93 2.29
C LEU A 381 -11.08 -17.20 2.12
N SER A 382 -10.72 -17.84 3.22
CA SER A 382 -9.97 -19.11 3.16
C SER A 382 -10.74 -20.11 3.96
N SER A 383 -11.08 -21.22 3.34
CA SER A 383 -11.74 -22.30 4.08
C SER A 383 -10.64 -23.07 4.80
N LEU A 384 -9.51 -23.31 4.11
CA LEU A 384 -8.52 -24.14 4.78
C LEU A 384 -7.11 -23.80 4.29
N ARG A 385 -6.17 -23.80 5.22
CA ARG A 385 -4.75 -23.58 4.93
C ARG A 385 -3.95 -24.75 5.47
N ARG A 386 -3.06 -25.29 4.65
CA ARG A 386 -2.18 -26.37 5.04
C ARG A 386 -0.80 -26.07 4.49
N CYS A 387 0.24 -26.34 5.29
N CYS A 387 0.24 -26.34 5.28
CA CYS A 387 1.60 -26.13 4.83
C CYS A 387 2.32 -27.46 4.61
N CYS A 388 3.33 -27.41 3.76
CA CYS A 388 4.21 -28.54 3.57
C CYS A 388 5.58 -28.01 3.18
N ALA A 389 6.56 -28.91 3.14
CA ALA A 389 7.91 -28.51 2.83
C ALA A 389 8.03 -28.12 1.36
N LEU A 390 8.80 -27.07 1.09
CA LEU A 390 9.12 -26.67 -0.28
C LEU A 390 10.62 -26.89 -0.46
N THR A 391 10.98 -28.03 -1.06
CA THR A 391 12.39 -28.41 -1.14
C THR A 391 13.00 -28.27 -2.52
N ARG A 392 12.18 -28.04 -3.55
CA ARG A 392 12.65 -27.89 -4.91
C ARG A 392 11.69 -27.00 -5.68
N TYR A 393 12.25 -26.13 -6.51
CA TYR A 393 11.48 -25.24 -7.37
C TYR A 393 11.08 -26.04 -8.62
N ASP A 394 10.10 -26.90 -8.43
CA ASP A 394 9.55 -27.70 -9.52
C ASP A 394 8.03 -27.65 -9.43
N ALA A 395 7.38 -27.17 -10.49
CA ALA A 395 5.94 -27.00 -10.46
C ALA A 395 5.21 -28.33 -10.31
N HIS A 396 5.72 -29.38 -10.95
CA HIS A 396 5.03 -30.66 -10.85
C HIS A 396 5.04 -31.18 -9.41
N LYS A 397 6.19 -31.08 -8.74
CA LYS A 397 6.26 -31.52 -7.35
C LYS A 397 5.42 -30.63 -6.43
N MET A 398 5.47 -29.32 -6.66
CA MET A 398 4.70 -28.38 -5.85
C MET A 398 3.20 -28.64 -5.98
N SER A 399 2.72 -28.92 -7.21
CA SER A 399 1.29 -29.15 -7.40
C SER A 399 0.88 -30.52 -6.86
N HIS A 400 1.76 -31.51 -6.98
CA HIS A 400 1.47 -32.82 -6.39
C HIS A 400 1.39 -32.70 -4.87
N ASP A 401 2.33 -31.97 -4.25
CA ASP A 401 2.31 -31.79 -2.81
C ASP A 401 1.08 -31.03 -2.33
N ALA A 402 0.71 -29.95 -3.03
CA ALA A 402 -0.51 -29.23 -2.67
C ALA A 402 -1.72 -30.14 -2.75
N PHE A 403 -1.79 -30.96 -3.81
CA PHE A 403 -2.90 -31.90 -3.92
C PHE A 403 -2.89 -32.88 -2.76
N THR A 404 -1.70 -33.36 -2.38
CA THR A 404 -1.61 -34.29 -1.27
C THR A 404 -2.10 -33.66 0.04
N VAL A 405 -1.79 -32.40 0.28
CA VAL A 405 -2.20 -31.83 1.56
C VAL A 405 -3.67 -31.38 1.55
N ILE A 406 -4.29 -31.21 0.38
CA ILE A 406 -5.75 -30.86 0.30
C ILE A 406 -6.64 -32.07 -0.07
N LYS A 407 -6.09 -33.20 -0.50
CA LYS A 407 -6.90 -34.33 -1.02
C LYS A 407 -7.99 -34.79 -0.04
N ASN A 408 -7.74 -34.74 1.26
CA ASN A 408 -8.73 -35.26 2.23
C ASN A 408 -9.87 -34.26 2.40
N CYS A 409 -9.89 -33.14 1.68
CA CYS A 409 -11.04 -32.24 1.76
C CYS A 409 -12.18 -32.68 0.89
N ASN A 410 -11.90 -33.50 -0.11
CA ASN A 410 -12.93 -34.05 -1.00
C ASN A 410 -13.80 -35.02 -0.22
N THR A 411 -14.98 -34.57 0.21
CA THR A 411 -15.96 -35.41 0.86
C THR A 411 -16.83 -36.18 -0.13
N SER A 412 -16.35 -36.41 -1.34
CA SER A 412 -17.09 -37.17 -2.33
C SER A 412 -16.86 -38.66 -2.15
N GLY A 413 -17.91 -39.44 -2.39
CA GLY A 413 -17.72 -40.87 -2.53
C GLY A 413 -16.93 -41.21 -3.78
N ILE A 414 -17.23 -40.54 -4.89
CA ILE A 414 -16.46 -40.69 -6.11
C ILE A 414 -15.15 -39.94 -5.95
N GLN A 415 -14.03 -40.62 -6.21
CA GLN A 415 -12.74 -39.94 -6.23
C GLN A 415 -12.51 -39.14 -7.50
N THR A 416 -13.33 -39.35 -8.53
CA THR A 416 -13.25 -38.54 -9.75
C THR A 416 -13.93 -37.19 -9.57
N GLU A 417 -14.92 -37.11 -8.70
CA GLU A 417 -15.61 -35.86 -8.41
C GLU A 417 -14.97 -35.17 -7.22
N TRP A 418 -15.21 -33.87 -7.14
CA TRP A 418 -14.73 -33.07 -6.02
C TRP A 418 -15.92 -32.35 -5.40
N SER A 419 -16.22 -32.65 -4.14
CA SER A 419 -17.31 -32.02 -3.45
C SER A 419 -16.86 -31.71 -2.03
N PRO A 420 -17.27 -30.54 -1.48
CA PRO A 420 -17.97 -29.51 -2.24
C PRO A 420 -16.99 -28.79 -3.17
N PRO A 421 -17.47 -28.32 -4.33
CA PRO A 421 -16.56 -27.74 -5.32
C PRO A 421 -15.74 -26.59 -4.75
N LEU A 422 -14.59 -26.37 -5.40
CA LEU A 422 -13.57 -25.44 -4.93
C LEU A 422 -13.77 -24.11 -5.63
N THR A 423 -13.89 -23.03 -4.85
CA THR A 423 -14.07 -21.69 -5.40
C THR A 423 -12.81 -20.83 -5.32
N MET A 424 -11.71 -21.39 -4.83
CA MET A 424 -10.46 -20.64 -4.74
C MET A 424 -9.32 -21.62 -4.50
N LEU A 425 -8.22 -21.38 -5.20
CA LEU A 425 -6.94 -22.05 -4.96
C LEU A 425 -5.89 -20.98 -4.75
N PHE A 426 -4.94 -21.25 -3.86
CA PHE A 426 -3.91 -20.26 -3.47
C PHE A 426 -2.67 -21.05 -3.08
N LEU A 427 -1.56 -20.82 -3.78
CA LEU A 427 -0.27 -21.40 -3.43
C LEU A 427 0.67 -20.27 -3.05
N CYS A 428 1.30 -20.38 -1.89
CA CYS A 428 2.17 -19.30 -1.40
C CYS A 428 3.48 -19.91 -0.90
N ALA A 429 4.60 -19.42 -1.43
CA ALA A 429 5.92 -19.77 -0.96
C ALA A 429 6.35 -18.78 0.11
N THR A 430 6.86 -19.31 1.23
CA THR A 430 7.15 -18.54 2.43
C THR A 430 8.45 -19.06 3.07
N LYS A 431 8.86 -18.40 4.16
CA LYS A 431 10.02 -18.78 4.97
C LYS A 431 11.31 -18.82 4.12
N PHE A 432 11.71 -17.64 3.67
CA PHE A 432 12.89 -17.54 2.82
C PHE A 432 14.17 -17.64 3.65
N SER A 433 15.23 -18.18 3.01
CA SER A 433 16.55 -18.33 3.61
C SER A 433 17.60 -17.91 2.59
N ALA A 434 18.66 -17.24 3.07
CA ALA A 434 19.74 -16.86 2.18
C ALA A 434 20.31 -18.08 1.50
N SER A 435 20.52 -17.98 0.19
CA SER A 435 21.00 -19.13 -0.60
C SER A 435 22.43 -18.90 -1.08
MN MN D . -0.57 2.26 -2.39
MN MN E . -0.98 4.33 -5.27
C1 GOL F . -10.17 17.43 19.37
O1 GOL F . -10.77 16.18 19.35
C2 GOL F . -8.62 17.34 18.99
O2 GOL F . -8.37 16.67 17.81
C3 GOL F . -7.86 16.71 20.22
O3 GOL F . -6.46 16.87 19.97
C1 GOL G . 10.47 -3.26 -16.39
O1 GOL G . 9.81 -2.73 -15.27
C2 GOL G . 11.99 -3.19 -16.08
O2 GOL G . 12.41 -4.29 -15.33
C3 GOL G . 12.68 -3.13 -17.48
O3 GOL G . 14.05 -3.04 -17.24
P1 DPO H . -3.70 3.50 -6.82
O1 DPO H . -2.19 3.41 -6.73
O2 DPO H . -4.51 2.94 -5.72
O3 DPO H . -4.16 2.83 -8.11
O4 DPO H . -4.14 5.09 -6.88
P2 DPO H . -3.61 6.28 -5.84
O5 DPO H . -2.60 5.72 -4.86
O6 DPO H . -4.84 6.73 -5.11
O7 DPO H . -3.03 7.40 -6.59
PG DGT I . -3.63 6.19 -5.75
O1G DGT I . -3.11 7.27 -6.64
O2G DGT I . -2.46 5.60 -4.97
O3G DGT I . -4.75 6.64 -4.90
O3B DGT I . -4.07 5.03 -6.74
PB DGT I . -3.49 3.56 -6.87
O1B DGT I . -4.15 2.82 -8.03
O2B DGT I . -2.01 3.51 -6.90
O3A DGT I . -4.06 2.88 -5.56
PA DGT I . -3.35 1.86 -4.59
O1A DGT I . -2.11 2.58 -3.97
O2A DGT I . -4.42 1.34 -3.75
O5' DGT I . -2.93 0.50 -5.29
C5' DGT I . -1.74 0.27 -6.05
C4' DGT I . -2.06 -0.67 -7.16
O4' DGT I . -2.47 -1.95 -6.63
C3' DGT I . -3.22 -0.26 -8.07
O3' DGT I . -2.74 0.60 -9.11
C2' DGT I . -3.67 -1.59 -8.66
C1' DGT I . -3.33 -2.60 -7.56
N9 DGT I . -4.50 -3.09 -6.83
C8 DGT I . -5.35 -2.39 -6.01
N7 DGT I . -6.39 -3.12 -5.60
C5 DGT I . -6.18 -4.36 -6.19
C6 DGT I . -6.93 -5.57 -6.16
O6 DGT I . -7.97 -5.68 -5.52
N1 DGT I . -6.47 -6.62 -6.86
C2 DGT I . -5.30 -6.48 -7.56
N2 DGT I . -4.88 -7.55 -8.24
N3 DGT I . -4.56 -5.37 -7.61
C4 DGT I . -5.05 -4.35 -6.93
MN MN J . -5.60 3.06 -3.99
#